data_6NI1
#
_entry.id   6NI1
#
_cell.length_a   87.849
_cell.length_b   87.849
_cell.length_c   149.853
_cell.angle_alpha   90.00
_cell.angle_beta   90.00
_cell.angle_gamma   120.00
#
_symmetry.space_group_name_H-M   'P 65'
#
loop_
_entity.id
_entity.type
_entity.pdbx_description
1 polymer Beta-lactamase
2 non-polymer 1,2-ETHANEDIOL
3 non-polymer 'FORMIC ACID'
4 water water
#
_entity_poly.entity_id   1
_entity_poly.type   'polypeptide(L)'
_entity_poly.pdbx_seq_one_letter_code
;SNAEAKSIEDTNMASCITNKKFVQLEKKFDARLGVYAIDIGSNKTIAYRPNERFAYASTYKVLAAAAVLKKNSIEKLNEV
IHYSKDDLVTYSPITEKHLDTGMSLKEISEAAIRYSDNTAGNILLQQLGGPKGFEKSLKQIGDHVTKAKRFETDLNSAIP
GDIRDTSTAKALATDLKAFTLDNTLTTDKRMILTDWMRGNATGDELIRAGAPIGWEVGDKSGAGSYGTRNDIAIVWPPNR
APIVVAILSNRFTKDANYDNALIAEAAKVVLNDLK
;
_entity_poly.pdbx_strand_id   A,B
#
loop_
_chem_comp.id
_chem_comp.type
_chem_comp.name
_chem_comp.formula
EDO non-polymer 1,2-ETHANEDIOL 'C2 H6 O2'
FMT non-polymer 'FORMIC ACID' 'C H2 O2'
#
# COMPACT_ATOMS: atom_id res chain seq x y z
N SER A 7 4.84 -12.14 -1.13
CA SER A 7 5.67 -10.94 -1.09
C SER A 7 4.83 -9.68 -1.28
N ILE A 8 3.56 -9.87 -1.62
CA ILE A 8 2.67 -8.72 -1.83
C ILE A 8 2.51 -7.94 -0.54
N GLU A 9 2.43 -8.63 0.60
CA GLU A 9 2.52 -7.95 1.89
C GLU A 9 3.86 -7.27 2.06
N ASP A 10 4.94 -7.92 1.57
CA ASP A 10 6.30 -7.42 1.75
C ASP A 10 6.53 -6.14 0.94
N THR A 11 6.08 -6.10 -0.31
CA THR A 11 6.30 -4.92 -1.13
C THR A 11 5.53 -3.71 -0.59
N ASN A 12 4.29 -3.92 -0.15
CA ASN A 12 3.46 -2.79 0.25
C ASN A 12 3.93 -2.18 1.57
N MET A 13 4.46 -3.00 2.49
CA MET A 13 5.12 -2.42 3.66
C MET A 13 6.36 -1.64 3.27
N ALA A 14 7.06 -2.07 2.22
CA ALA A 14 8.17 -1.28 1.69
C ALA A 14 7.67 0.03 1.09
N SER A 15 6.52 -0.01 0.42
CA SER A 15 5.94 1.22 -0.10
C SER A 15 5.50 2.15 1.04
N CYS A 16 4.86 1.59 2.08
CA CYS A 16 4.50 2.42 3.23
C CYS A 16 5.72 3.08 3.86
N ILE A 17 6.84 2.35 3.94
CA ILE A 17 8.05 2.92 4.54
C ILE A 17 8.60 4.01 3.64
N THR A 18 8.70 3.73 2.33
CA THR A 18 9.15 4.77 1.40
C THR A 18 8.21 5.97 1.43
N ASN A 19 6.90 5.71 1.49
CA ASN A 19 5.91 6.78 1.54
C ASN A 19 6.08 7.67 2.77
N LYS A 20 6.32 7.06 3.94
CA LYS A 20 6.48 7.86 5.14
C LYS A 20 7.68 8.80 5.04
N LYS A 21 8.75 8.39 4.36
CA LYS A 21 9.88 9.29 4.16
C LYS A 21 9.47 10.54 3.38
N PHE A 22 8.64 10.39 2.34
CA PHE A 22 8.17 11.56 1.59
C PHE A 22 7.25 12.43 2.44
N VAL A 23 6.39 11.81 3.26
CA VAL A 23 5.56 12.56 4.20
C VAL A 23 6.44 13.41 5.11
N GLN A 24 7.53 12.82 5.63
CA GLN A 24 8.39 13.56 6.55
C GLN A 24 9.15 14.67 5.83
N LEU A 25 9.48 14.49 4.56
CA LEU A 25 10.16 15.56 3.82
C LEU A 25 9.22 16.75 3.60
N GLU A 26 7.95 16.48 3.28
CA GLU A 26 6.98 17.56 3.14
C GLU A 26 6.90 18.36 4.43
N LYS A 27 6.88 17.66 5.57
CA LYS A 27 6.82 18.35 6.86
C LYS A 27 8.11 19.11 7.13
N LYS A 28 9.26 18.48 6.88
CA LYS A 28 10.55 19.08 7.22
C LYS A 28 10.80 20.36 6.39
N PHE A 29 10.46 20.33 5.11
CA PHE A 29 10.69 21.46 4.21
C PHE A 29 9.47 22.35 4.01
N ASP A 30 8.35 22.07 4.68
CA ASP A 30 7.11 22.85 4.54
C ASP A 30 6.73 23.00 3.07
N ALA A 31 6.57 21.84 2.42
CA ALA A 31 6.39 21.82 0.99
C ALA A 31 5.43 20.69 0.62
N ARG A 32 4.94 20.73 -0.62
CA ARG A 32 4.25 19.61 -1.23
C ARG A 32 5.19 19.00 -2.26
N LEU A 33 5.25 17.66 -2.28
CA LEU A 33 6.21 16.94 -3.10
C LEU A 33 5.48 15.98 -4.04
N GLY A 34 5.91 15.92 -5.31
CA GLY A 34 5.40 14.93 -6.23
C GLY A 34 6.54 14.14 -6.85
N VAL A 35 6.43 12.81 -6.85
CA VAL A 35 7.53 11.94 -7.23
C VAL A 35 7.00 10.85 -8.15
N TYR A 36 7.69 10.61 -9.25
CA TYR A 36 7.45 9.42 -10.03
C TYR A 36 8.79 8.97 -10.59
N ALA A 37 9.17 7.72 -10.34
CA ALA A 37 10.42 7.17 -10.87
C ALA A 37 10.17 5.76 -11.37
N ILE A 38 10.79 5.42 -12.48
CA ILE A 38 10.65 4.07 -13.01
C ILE A 38 12.03 3.52 -13.35
N ASP A 39 12.29 2.29 -12.91
CA ASP A 39 13.48 1.54 -13.27
C ASP A 39 13.20 0.87 -14.61
N ILE A 40 13.86 1.35 -15.68
CA ILE A 40 13.65 0.83 -17.02
C ILE A 40 14.02 -0.64 -17.14
N GLY A 41 14.88 -1.15 -16.26
CA GLY A 41 15.25 -2.55 -16.36
C GLY A 41 14.27 -3.51 -15.72
N SER A 42 13.55 -3.08 -14.67
CA SER A 42 12.62 -3.97 -13.98
C SER A 42 11.17 -3.50 -14.07
N ASN A 43 10.93 -2.29 -14.54
CA ASN A 43 9.62 -1.63 -14.49
C ASN A 43 9.12 -1.37 -13.07
N LYS A 44 9.95 -1.57 -12.04
CA LYS A 44 9.61 -1.12 -10.70
C LYS A 44 9.45 0.40 -10.67
N THR A 45 8.51 0.88 -9.86
CA THR A 45 8.28 2.32 -9.75
C THR A 45 8.24 2.76 -8.29
N ILE A 46 8.54 4.05 -8.09
CA ILE A 46 8.30 4.76 -6.84
C ILE A 46 7.37 5.91 -7.19
N ALA A 47 6.35 6.13 -6.37
CA ALA A 47 5.35 7.13 -6.70
C ALA A 47 4.81 7.77 -5.42
N TYR A 48 4.76 9.09 -5.41
CA TYR A 48 4.20 9.84 -4.28
C TYR A 48 3.48 11.04 -4.86
N ARG A 49 2.18 11.17 -4.59
CA ARG A 49 1.33 12.12 -5.32
C ARG A 49 1.66 12.13 -6.81
N PRO A 50 1.75 10.98 -7.49
CA PRO A 50 2.26 10.99 -8.88
C PRO A 50 1.34 11.68 -9.87
N ASN A 51 0.05 11.79 -9.55
CA ASN A 51 -0.93 12.36 -10.47
C ASN A 51 -1.41 13.74 -10.04
N GLU A 52 -0.78 14.36 -9.04
CA GLU A 52 -1.18 15.71 -8.63
C GLU A 52 -0.48 16.73 -9.51
N ARG A 53 -1.18 17.84 -9.81
CA ARG A 53 -0.60 18.84 -10.69
C ARG A 53 0.37 19.75 -9.97
N PHE A 54 1.46 20.08 -10.67
CA PHE A 54 2.44 21.10 -10.28
C PHE A 54 2.75 21.95 -11.51
N ALA A 55 3.13 23.22 -11.30
CA ALA A 55 3.70 23.99 -12.41
C ALA A 55 5.01 23.37 -12.84
N TYR A 56 5.18 23.11 -14.17
CA TYR A 56 6.40 22.43 -14.56
C TYR A 56 7.60 23.37 -14.63
N ALA A 57 7.39 24.67 -14.76
CA ALA A 57 8.50 25.64 -14.84
C ALA A 57 9.48 25.18 -15.93
N SER A 58 10.78 25.42 -15.77
CA SER A 58 11.70 25.16 -16.89
C SER A 58 11.90 23.70 -17.25
N THR A 59 11.28 22.74 -16.55
CA THR A 59 11.46 21.36 -17.00
C THR A 59 10.88 21.12 -18.38
N TYR A 60 9.95 21.96 -18.86
CA TYR A 60 9.41 21.72 -20.20
C TYR A 60 10.47 21.88 -21.27
N LYS A 61 11.57 22.61 -20.97
CA LYS A 61 12.49 22.97 -22.04
C LYS A 61 13.11 21.74 -22.69
N VAL A 62 13.36 20.69 -21.91
CA VAL A 62 13.92 19.47 -22.52
C VAL A 62 12.87 18.77 -23.38
N LEU A 63 11.60 18.78 -22.96
CA LEU A 63 10.55 18.17 -23.78
C LEU A 63 10.27 18.98 -25.05
N ALA A 64 10.27 20.33 -24.94
CA ALA A 64 10.07 21.14 -26.14
C ALA A 64 11.23 20.97 -27.10
N ALA A 65 12.46 20.91 -26.60
CA ALA A 65 13.59 20.65 -27.49
C ALA A 65 13.43 19.30 -28.19
N ALA A 66 12.97 18.28 -27.45
CA ALA A 66 12.80 16.96 -28.05
C ALA A 66 11.73 16.98 -29.14
N ALA A 67 10.62 17.69 -28.90
CA ALA A 67 9.59 17.76 -29.91
C ALA A 67 10.10 18.49 -31.14
N VAL A 68 10.94 19.52 -30.93
CA VAL A 68 11.50 20.25 -32.07
C VAL A 68 12.42 19.34 -32.87
N LEU A 69 13.23 18.54 -32.18
CA LEU A 69 14.06 17.55 -32.86
C LEU A 69 13.22 16.56 -33.66
N LYS A 70 12.13 16.05 -33.06
CA LYS A 70 11.29 15.07 -33.76
C LYS A 70 10.66 15.67 -35.01
N LYS A 71 10.29 16.95 -34.95
CA LYS A 71 9.47 17.56 -35.99
C LYS A 71 10.27 18.09 -37.16
N ASN A 72 11.57 18.32 -37.00
CA ASN A 72 12.36 19.08 -37.96
C ASN A 72 13.56 18.29 -38.50
N SER A 73 13.85 18.48 -39.79
CA SER A 73 14.99 17.80 -40.39
C SER A 73 16.30 18.34 -39.84
N ILE A 74 17.37 17.56 -40.01
CA ILE A 74 18.70 17.99 -39.59
C ILE A 74 19.07 19.33 -40.23
N GLU A 75 18.80 19.46 -41.53
CA GLU A 75 19.11 20.71 -42.23
C GLU A 75 18.31 21.86 -41.63
N LYS A 76 17.00 21.65 -41.45
CA LYS A 76 16.15 22.67 -40.83
C LYS A 76 16.67 23.06 -39.45
N LEU A 77 17.08 22.08 -38.65
CA LEU A 77 17.55 22.36 -37.29
C LEU A 77 18.85 23.16 -37.27
N ASN A 78 19.51 23.31 -38.42
CA ASN A 78 20.73 24.11 -38.54
C ASN A 78 20.49 25.47 -39.16
N GLU A 79 19.26 25.79 -39.58
CA GLU A 79 19.01 27.11 -40.14
C GLU A 79 19.05 28.17 -39.04
N VAL A 80 19.61 29.32 -39.37
CA VAL A 80 19.80 30.38 -38.37
C VAL A 80 18.48 31.13 -38.18
N ILE A 81 18.10 31.34 -36.92
CA ILE A 81 16.94 32.15 -36.56
C ILE A 81 17.43 33.51 -36.10
N HIS A 82 16.99 34.57 -36.78
CA HIS A 82 17.42 35.94 -36.49
C HIS A 82 16.38 36.63 -35.62
N TYR A 83 16.42 36.33 -34.32
CA TYR A 83 15.57 37.01 -33.35
C TYR A 83 16.12 38.39 -33.03
N SER A 84 15.30 39.20 -32.38
CA SER A 84 15.64 40.59 -32.12
C SER A 84 15.75 40.85 -30.62
N LYS A 85 16.32 42.01 -30.29
CA LYS A 85 16.42 42.43 -28.90
C LYS A 85 15.06 42.47 -28.22
N ASP A 86 13.99 42.74 -28.99
CA ASP A 86 12.64 42.76 -28.44
C ASP A 86 12.16 41.40 -27.97
N ASP A 87 12.77 40.32 -28.47
CA ASP A 87 12.38 38.97 -28.07
C ASP A 87 13.05 38.53 -26.79
N LEU A 88 14.05 39.25 -26.30
CA LEU A 88 14.76 38.81 -25.11
C LEU A 88 13.89 39.02 -23.88
N VAL A 89 13.67 37.96 -23.11
CA VAL A 89 12.99 38.05 -21.84
C VAL A 89 14.02 37.87 -20.72
N THR A 90 13.57 38.09 -19.49
CA THR A 90 14.43 37.94 -18.31
C THR A 90 15.15 36.60 -18.31
N TYR A 91 16.44 36.64 -17.97
CA TYR A 91 17.35 35.49 -17.89
C TYR A 91 17.52 34.81 -19.24
N SER A 92 18.30 35.42 -20.12
CA SER A 92 18.60 34.88 -21.44
C SER A 92 20.12 34.95 -21.64
N PRO A 93 20.88 34.26 -20.79
CA PRO A 93 22.34 34.44 -20.81
C PRO A 93 23.01 33.98 -22.10
N ILE A 94 22.41 33.03 -22.83
CA ILE A 94 23.01 32.63 -24.09
C ILE A 94 22.46 33.45 -25.25
N THR A 95 21.12 33.54 -25.36
CA THR A 95 20.55 34.21 -26.52
C THR A 95 20.91 35.69 -26.56
N GLU A 96 21.11 36.33 -25.40
CA GLU A 96 21.48 37.73 -25.42
C GLU A 96 22.89 37.93 -25.97
N LYS A 97 23.74 36.91 -25.90
CA LYS A 97 25.10 37.02 -26.43
C LYS A 97 25.14 37.00 -27.94
N HIS A 98 24.23 36.27 -28.59
CA HIS A 98 24.31 36.00 -30.01
C HIS A 98 23.26 36.76 -30.80
N LEU A 99 22.84 37.91 -30.26
CA LEU A 99 21.80 38.70 -30.91
C LEU A 99 22.24 39.16 -32.30
N ASP A 100 23.51 39.54 -32.44
CA ASP A 100 24.01 39.97 -33.73
C ASP A 100 24.07 38.81 -34.71
N THR A 101 24.43 37.63 -34.23
CA THR A 101 24.70 36.48 -35.10
C THR A 101 23.45 35.66 -35.40
N GLY A 102 22.46 35.64 -34.50
CA GLY A 102 21.35 34.72 -34.63
C GLY A 102 21.77 33.34 -34.17
N MET A 103 20.82 32.41 -34.04
CA MET A 103 21.11 31.06 -33.57
C MET A 103 20.20 30.06 -34.28
N SER A 104 20.73 28.85 -34.49
CA SER A 104 19.97 27.74 -35.04
C SER A 104 19.08 27.09 -33.98
N LEU A 105 18.05 26.38 -34.45
CA LEU A 105 17.19 25.65 -33.52
C LEU A 105 17.98 24.65 -32.69
N LYS A 106 19.05 24.11 -33.28
CA LYS A 106 19.89 23.18 -32.52
C LYS A 106 20.61 23.89 -31.39
N GLU A 107 21.19 25.06 -31.69
CA GLU A 107 21.85 25.86 -30.66
C GLU A 107 20.86 26.39 -29.63
N ILE A 108 19.68 26.81 -30.09
CA ILE A 108 18.64 27.27 -29.16
C ILE A 108 18.22 26.14 -28.22
N SER A 109 18.09 24.92 -28.74
CA SER A 109 17.71 23.78 -27.90
C SER A 109 18.76 23.53 -26.81
N GLU A 110 20.03 23.62 -27.18
CA GLU A 110 21.10 23.37 -26.22
C GLU A 110 21.15 24.45 -25.15
N ALA A 111 20.98 25.72 -25.56
CA ALA A 111 20.92 26.80 -24.59
C ALA A 111 19.75 26.62 -23.63
N ALA A 112 18.60 26.21 -24.14
CA ALA A 112 17.45 26.02 -23.26
C ALA A 112 17.72 24.93 -22.23
N ILE A 113 18.36 23.84 -22.65
CA ILE A 113 18.49 22.72 -21.75
C ILE A 113 19.66 22.90 -20.79
N ARG A 114 20.80 23.35 -21.30
CA ARG A 114 22.01 23.42 -20.48
C ARG A 114 21.96 24.58 -19.51
N TYR A 115 21.41 25.71 -19.94
CA TYR A 115 21.42 26.93 -19.15
C TYR A 115 20.04 27.42 -18.74
N SER A 116 18.97 26.82 -19.25
CA SER A 116 17.61 27.24 -18.95
C SER A 116 17.33 28.65 -19.47
N ASP A 117 17.95 29.01 -20.59
CA ASP A 117 17.74 30.30 -21.24
C ASP A 117 16.26 30.51 -21.58
N ASN A 118 15.67 31.61 -21.12
CA ASN A 118 14.21 31.72 -21.25
C ASN A 118 13.78 32.14 -22.65
N THR A 119 14.54 33.01 -23.31
CA THR A 119 14.25 33.32 -24.71
C THR A 119 14.38 32.08 -25.57
N ALA A 120 15.40 31.25 -25.30
CA ALA A 120 15.51 29.97 -26.00
C ALA A 120 14.24 29.14 -25.83
N GLY A 121 13.74 29.05 -24.59
CA GLY A 121 12.50 28.33 -24.36
C GLY A 121 11.34 28.90 -25.17
N ASN A 122 11.24 30.23 -25.23
CA ASN A 122 10.14 30.82 -25.99
C ASN A 122 10.25 30.49 -27.47
N ILE A 123 11.48 30.51 -28.01
CA ILE A 123 11.64 30.22 -29.44
C ILE A 123 11.23 28.77 -29.75
N LEU A 124 11.58 27.84 -28.86
CA LEU A 124 11.14 26.46 -29.05
C LEU A 124 9.62 26.38 -28.99
N LEU A 125 9.00 27.05 -28.01
CA LEU A 125 7.53 27.06 -27.96
C LEU A 125 6.96 27.63 -29.25
N GLN A 126 7.50 28.75 -29.73
CA GLN A 126 7.02 29.34 -30.97
C GLN A 126 7.16 28.37 -32.14
N GLN A 127 8.31 27.70 -32.23
CA GLN A 127 8.57 26.76 -33.32
C GLN A 127 7.50 25.67 -33.38
N LEU A 128 6.96 25.25 -32.25
CA LEU A 128 5.96 24.20 -32.20
C LEU A 128 4.53 24.71 -32.38
N GLY A 129 4.33 26.00 -32.60
CA GLY A 129 2.99 26.56 -32.72
C GLY A 129 2.50 27.26 -31.47
N GLY A 130 3.39 27.68 -30.58
CA GLY A 130 2.99 28.28 -29.33
C GLY A 130 2.77 27.20 -28.28
N PRO A 131 2.41 27.63 -27.07
CA PRO A 131 2.13 26.64 -26.00
C PRO A 131 1.10 25.59 -26.39
N LYS A 132 0.06 25.96 -27.15
CA LYS A 132 -0.93 24.96 -27.56
C LYS A 132 -0.33 23.93 -28.53
N GLY A 133 0.56 24.37 -29.43
CA GLY A 133 1.23 23.42 -30.30
C GLY A 133 2.20 22.53 -29.56
N PHE A 134 2.88 23.07 -28.54
CA PHE A 134 3.71 22.23 -27.68
C PHE A 134 2.85 21.16 -27.00
N GLU A 135 1.71 21.57 -26.44
CA GLU A 135 0.79 20.58 -25.85
C GLU A 135 0.37 19.52 -26.85
N LYS A 136 0.06 19.93 -28.11
CA LYS A 136 -0.27 18.96 -29.15
C LYS A 136 0.86 17.97 -29.40
N SER A 137 2.11 18.44 -29.43
CA SER A 137 3.26 17.55 -29.59
C SER A 137 3.34 16.53 -28.47
N LEU A 138 2.95 16.91 -27.26
CA LEU A 138 2.96 15.94 -26.18
C LEU A 138 1.81 14.95 -26.30
N LYS A 139 0.66 15.41 -26.77
CA LYS A 139 -0.44 14.50 -27.03
C LYS A 139 -0.04 13.43 -28.03
N GLN A 140 0.81 13.77 -29.00
CA GLN A 140 1.23 12.80 -30.01
C GLN A 140 2.07 11.67 -29.40
N ILE A 141 2.73 11.89 -28.27
CA ILE A 141 3.40 10.79 -27.58
C ILE A 141 2.55 10.25 -26.42
N GLY A 142 1.24 10.52 -26.43
CA GLY A 142 0.33 9.96 -25.43
C GLY A 142 0.19 10.72 -24.13
N ASP A 143 0.67 11.97 -24.05
CA ASP A 143 0.53 12.78 -22.84
C ASP A 143 -0.70 13.68 -23.00
N HIS A 144 -1.81 13.28 -22.38
CA HIS A 144 -3.03 14.06 -22.33
C HIS A 144 -3.20 14.79 -21.00
N VAL A 145 -2.16 14.83 -20.18
CA VAL A 145 -2.19 15.44 -18.86
C VAL A 145 -1.63 16.86 -18.88
N THR A 146 -0.46 17.03 -19.50
CA THR A 146 0.23 18.32 -19.48
C THR A 146 -0.65 19.36 -20.18
N LYS A 147 -0.72 20.56 -19.58
CA LYS A 147 -1.51 21.65 -20.13
C LYS A 147 -0.59 22.86 -20.25
N ALA A 148 -0.36 23.31 -21.48
CA ALA A 148 0.55 24.41 -21.73
C ALA A 148 -0.26 25.60 -22.24
N LYS A 149 0.02 26.77 -21.68
CA LYS A 149 -0.80 27.92 -22.04
C LYS A 149 0.01 29.18 -22.33
N ARG A 150 1.06 29.46 -21.55
CA ARG A 150 1.74 30.74 -21.61
C ARG A 150 3.22 30.59 -21.97
N PHE A 151 3.81 31.73 -22.32
CA PHE A 151 5.23 31.83 -22.60
C PHE A 151 6.01 32.20 -21.34
N GLU A 152 7.35 32.23 -21.47
CA GLU A 152 8.24 32.80 -20.45
C GLU A 152 8.05 34.31 -20.40
N THR A 153 8.05 34.89 -19.19
CA THR A 153 8.26 34.20 -17.91
C THR A 153 6.95 33.94 -17.16
N ASP A 154 5.81 34.35 -17.74
CA ASP A 154 4.52 34.19 -17.08
C ASP A 154 4.23 32.74 -16.73
N LEU A 155 4.75 31.78 -17.50
CA LEU A 155 4.40 30.39 -17.24
C LEU A 155 4.92 29.87 -15.90
N ASN A 156 5.77 30.62 -15.20
CA ASN A 156 6.32 30.23 -13.89
C ASN A 156 5.48 30.69 -12.70
N SER A 157 4.30 31.26 -12.94
CA SER A 157 3.55 31.91 -11.85
C SER A 157 3.08 30.89 -10.80
N ALA A 158 2.81 29.63 -11.18
CA ALA A 158 2.57 28.52 -10.23
C ALA A 158 1.51 28.83 -9.16
N ILE A 159 0.44 29.48 -9.58
CA ILE A 159 -0.61 29.89 -8.63
C ILE A 159 -1.35 28.64 -8.14
N PRO A 160 -1.62 28.53 -6.84
CA PRO A 160 -2.41 27.38 -6.33
C PRO A 160 -3.70 27.16 -7.11
N GLY A 161 -3.95 25.91 -7.50
CA GLY A 161 -5.17 25.58 -8.19
C GLY A 161 -5.19 25.91 -9.68
N ASP A 162 -4.14 26.52 -10.21
CA ASP A 162 -4.13 27.03 -11.57
C ASP A 162 -3.59 25.92 -12.46
N ILE A 163 -4.39 25.47 -13.42
CA ILE A 163 -3.96 24.40 -14.33
C ILE A 163 -3.03 24.87 -15.44
N ARG A 164 -2.88 26.18 -15.66
CA ARG A 164 -2.07 26.64 -16.78
C ARG A 164 -0.59 26.26 -16.57
N ASP A 165 0.01 25.63 -17.58
CA ASP A 165 1.45 25.30 -17.57
C ASP A 165 1.77 24.34 -16.43
N THR A 166 0.94 23.30 -16.29
CA THR A 166 1.11 22.28 -15.27
C THR A 166 1.22 20.90 -15.89
N SER A 167 1.79 19.99 -15.10
CA SER A 167 1.78 18.58 -15.46
C SER A 167 1.82 17.80 -14.16
N THR A 168 2.12 16.50 -14.23
CA THR A 168 2.29 15.68 -13.05
C THR A 168 3.65 14.99 -13.12
N ALA A 169 4.12 14.51 -11.96
CA ALA A 169 5.40 13.83 -11.98
C ALA A 169 5.34 12.60 -12.86
N LYS A 170 4.21 11.87 -12.85
CA LYS A 170 4.12 10.70 -13.70
C LYS A 170 4.14 11.09 -15.18
N ALA A 171 3.38 12.14 -15.55
CA ALA A 171 3.33 12.50 -16.96
C ALA A 171 4.69 13.00 -17.44
N LEU A 172 5.39 13.81 -16.61
CA LEU A 172 6.66 14.36 -17.06
C LEU A 172 7.72 13.28 -17.18
N ALA A 173 7.75 12.36 -16.21
CA ALA A 173 8.69 11.24 -16.29
C ALA A 173 8.42 10.38 -17.51
N THR A 174 7.15 10.05 -17.74
CA THR A 174 6.78 9.21 -18.89
C THR A 174 7.17 9.91 -20.20
N ASP A 175 6.96 11.23 -20.29
CA ASP A 175 7.37 11.97 -21.49
C ASP A 175 8.89 11.94 -21.67
N LEU A 176 9.63 12.18 -20.59
CA LEU A 176 11.08 12.18 -20.69
C LEU A 176 11.58 10.81 -21.11
N LYS A 177 10.98 9.74 -20.57
CA LYS A 177 11.30 8.39 -21.02
C LYS A 177 10.99 8.21 -22.49
N ALA A 178 9.85 8.74 -22.95
CA ALA A 178 9.45 8.55 -24.35
C ALA A 178 10.51 9.11 -25.29
N PHE A 179 11.04 10.30 -24.98
CA PHE A 179 11.98 10.94 -25.89
C PHE A 179 13.40 10.38 -25.73
N THR A 180 13.83 10.09 -24.50
CA THR A 180 15.23 9.71 -24.29
C THR A 180 15.49 8.21 -24.37
N LEU A 181 14.47 7.37 -24.15
CA LEU A 181 14.77 5.95 -24.03
C LEU A 181 13.92 5.08 -24.94
N ASP A 182 12.66 5.46 -25.16
CA ASP A 182 11.77 4.73 -26.05
C ASP A 182 12.16 5.04 -27.49
N ASN A 183 11.50 4.37 -28.44
CA ASN A 183 11.86 4.49 -29.86
C ASN A 183 11.15 5.68 -30.52
N THR A 184 11.20 6.87 -29.92
CA THR A 184 10.46 8.03 -30.42
C THR A 184 11.28 8.91 -31.36
N LEU A 185 12.53 9.19 -31.00
CA LEU A 185 13.45 9.91 -31.86
C LEU A 185 14.35 8.93 -32.60
N THR A 186 14.88 9.38 -33.73
CA THR A 186 15.99 8.67 -34.38
C THR A 186 17.14 8.52 -33.40
N THR A 187 17.99 7.54 -33.67
CA THR A 187 19.15 7.29 -32.80
C THR A 187 19.98 8.56 -32.59
N ASP A 188 20.30 9.26 -33.67
CA ASP A 188 21.14 10.45 -33.57
C ASP A 188 20.47 11.54 -32.76
N LYS A 189 19.16 11.73 -32.95
CA LYS A 189 18.48 12.79 -32.19
C LYS A 189 18.35 12.43 -30.72
N ARG A 190 18.14 11.15 -30.41
CA ARG A 190 18.07 10.72 -29.02
C ARG A 190 19.41 10.91 -28.30
N MET A 191 20.52 10.58 -28.98
CA MET A 191 21.83 10.78 -28.38
C MET A 191 22.16 12.25 -28.19
N ILE A 192 21.80 13.11 -29.16
CA ILE A 192 22.05 14.54 -29.03
C ILE A 192 21.28 15.10 -27.83
N LEU A 193 20.00 14.75 -27.74
CA LEU A 193 19.17 15.23 -26.65
C LEU A 193 19.70 14.78 -25.29
N THR A 194 20.11 13.52 -25.20
CA THR A 194 20.64 12.99 -23.95
C THR A 194 21.92 13.70 -23.53
N ASP A 195 22.81 13.98 -24.49
CA ASP A 195 24.06 14.64 -24.15
C ASP A 195 23.83 16.05 -23.63
N TRP A 196 22.83 16.75 -24.18
CA TRP A 196 22.48 18.08 -23.70
C TRP A 196 22.09 18.08 -22.23
N MET A 197 21.51 16.97 -21.74
CA MET A 197 21.13 16.89 -20.35
C MET A 197 22.30 16.62 -19.40
N ARG A 198 23.47 16.26 -19.91
CA ARG A 198 24.56 15.83 -19.03
C ARG A 198 25.48 16.98 -18.63
N GLY A 199 25.86 17.00 -17.34
CA GLY A 199 26.97 17.84 -16.88
C GLY A 199 26.66 19.32 -16.71
N ASN A 200 25.39 19.69 -16.50
CA ASN A 200 25.02 21.10 -16.40
C ASN A 200 24.92 21.55 -14.95
N ALA A 201 25.49 22.72 -14.66
CA ALA A 201 25.56 23.21 -13.28
C ALA A 201 24.18 23.44 -12.68
N THR A 202 23.18 23.77 -13.50
CA THR A 202 21.83 23.96 -12.96
C THR A 202 21.30 22.72 -12.26
N GLY A 203 21.85 21.54 -12.56
CA GLY A 203 21.36 20.36 -11.87
C GLY A 203 22.14 19.97 -10.63
N ASP A 204 23.15 20.75 -10.24
CA ASP A 204 24.14 20.26 -9.28
C ASP A 204 23.58 20.02 -7.88
N GLU A 205 22.58 20.79 -7.46
CA GLU A 205 22.11 20.66 -6.08
C GLU A 205 20.80 19.88 -5.99
N LEU A 206 20.39 19.22 -7.07
CA LEU A 206 19.07 18.63 -7.12
C LEU A 206 19.19 17.11 -7.13
N ILE A 207 18.65 16.43 -8.15
CA ILE A 207 18.70 14.96 -8.15
C ILE A 207 20.15 14.50 -8.11
N ARG A 208 21.04 15.19 -8.82
CA ARG A 208 22.45 14.84 -8.78
C ARG A 208 23.01 14.81 -7.36
N ALA A 209 22.57 15.75 -6.49
CA ALA A 209 23.12 15.81 -5.14
C ALA A 209 22.61 14.66 -4.26
N GLY A 210 21.54 13.99 -4.67
CA GLY A 210 21.07 12.82 -3.94
C GLY A 210 21.47 11.50 -4.55
N ALA A 211 22.31 11.49 -5.58
CA ALA A 211 22.60 10.21 -6.22
C ALA A 211 23.74 9.50 -5.51
N PRO A 212 23.73 8.18 -5.43
CA PRO A 212 24.86 7.46 -4.86
C PRO A 212 26.16 7.74 -5.63
N ILE A 213 27.28 7.58 -4.93
CA ILE A 213 28.60 7.64 -5.54
C ILE A 213 28.64 6.79 -6.80
N GLY A 214 29.13 7.38 -7.90
CA GLY A 214 29.29 6.64 -9.12
C GLY A 214 28.10 6.67 -10.06
N TRP A 215 26.96 7.17 -9.63
CA TRP A 215 25.78 7.20 -10.48
C TRP A 215 25.71 8.53 -11.22
N GLU A 216 25.58 8.49 -12.54
CA GLU A 216 25.48 9.74 -13.30
C GLU A 216 24.03 10.19 -13.46
N VAL A 217 23.81 11.51 -13.44
CA VAL A 217 22.49 12.11 -13.55
C VAL A 217 22.49 13.09 -14.73
N GLY A 218 21.57 12.90 -15.66
CA GLY A 218 21.28 13.90 -16.68
C GLY A 218 19.90 14.47 -16.38
N ASP A 219 19.81 15.79 -16.26
CA ASP A 219 18.58 16.37 -15.71
C ASP A 219 18.19 17.62 -16.49
N LYS A 220 16.99 18.12 -16.15
CA LYS A 220 16.56 19.48 -16.50
C LYS A 220 15.84 20.04 -15.29
N SER A 221 16.32 21.16 -14.76
CA SER A 221 15.80 21.74 -13.53
C SER A 221 14.64 22.71 -13.83
N GLY A 222 13.90 23.05 -12.77
CA GLY A 222 12.88 24.09 -12.87
C GLY A 222 12.71 24.82 -11.57
N ALA A 223 12.33 26.09 -11.67
CA ALA A 223 12.09 26.93 -10.51
C ALA A 223 11.00 27.92 -10.89
N GLY A 224 10.06 28.16 -9.98
CA GLY A 224 9.02 29.13 -10.22
C GLY A 224 8.53 29.77 -8.94
N SER A 225 7.43 30.49 -9.04
CA SER A 225 6.88 31.16 -7.88
C SER A 225 6.19 30.15 -6.96
N TYR A 226 5.66 30.63 -5.83
CA TYR A 226 5.15 29.76 -4.75
C TYR A 226 6.16 28.67 -4.37
N GLY A 227 7.45 29.02 -4.42
CA GLY A 227 8.51 28.10 -4.05
C GLY A 227 8.64 26.87 -4.93
N THR A 228 8.20 26.94 -6.17
CA THR A 228 8.22 25.80 -7.06
C THR A 228 9.66 25.42 -7.41
N ARG A 229 9.98 24.15 -7.20
CA ARG A 229 11.36 23.70 -7.44
C ARG A 229 11.28 22.25 -7.95
N ASN A 230 11.71 22.03 -9.18
CA ASN A 230 11.51 20.76 -9.88
C ASN A 230 12.81 20.25 -10.45
N ASP A 231 12.87 18.93 -10.68
CA ASP A 231 13.98 18.35 -11.42
C ASP A 231 13.48 17.05 -12.06
N ILE A 232 13.73 16.88 -13.37
CA ILE A 232 13.43 15.63 -14.03
C ILE A 232 14.72 15.11 -14.65
N ALA A 233 14.92 13.79 -14.61
CA ALA A 233 16.25 13.29 -14.90
C ALA A 233 16.21 11.87 -15.43
N ILE A 234 17.30 11.51 -16.10
CA ILE A 234 17.63 10.11 -16.32
C ILE A 234 18.87 9.84 -15.49
N VAL A 235 18.86 8.72 -14.77
CA VAL A 235 19.92 8.37 -13.83
C VAL A 235 20.54 7.07 -14.32
N TRP A 236 21.87 7.07 -14.46
CA TRP A 236 22.59 5.92 -14.99
C TRP A 236 23.43 5.28 -13.89
N PRO A 237 22.96 4.21 -13.25
CA PRO A 237 23.77 3.56 -12.23
C PRO A 237 24.78 2.64 -12.90
N PRO A 238 25.93 2.38 -12.27
CA PRO A 238 26.89 1.44 -12.87
C PRO A 238 26.23 0.08 -13.06
N ASN A 239 26.40 -0.47 -14.27
CA ASN A 239 26.01 -1.84 -14.58
C ASN A 239 24.52 -2.10 -14.34
N ARG A 240 23.69 -1.09 -14.59
CA ARG A 240 22.26 -1.16 -14.40
C ARG A 240 21.57 -0.41 -15.53
N ALA A 241 20.30 -0.76 -15.75
CA ALA A 241 19.48 -0.03 -16.70
C ALA A 241 19.20 1.37 -16.16
N PRO A 242 18.86 2.30 -17.04
CA PRO A 242 18.55 3.68 -16.58
C PRO A 242 17.30 3.74 -15.70
N ILE A 243 17.25 4.80 -14.92
CA ILE A 243 16.09 5.11 -14.09
C ILE A 243 15.63 6.49 -14.51
N VAL A 244 14.33 6.64 -14.76
CA VAL A 244 13.77 7.95 -15.12
C VAL A 244 13.06 8.47 -13.88
N VAL A 245 13.30 9.73 -13.52
CA VAL A 245 12.88 10.30 -12.25
C VAL A 245 12.32 11.70 -12.48
N ALA A 246 11.10 11.96 -12.00
CA ALA A 246 10.59 13.31 -11.90
C ALA A 246 10.29 13.62 -10.45
N ILE A 247 10.82 14.73 -9.94
CA ILE A 247 10.54 15.22 -8.59
C ILE A 247 10.13 16.68 -8.69
N LEU A 248 8.90 16.97 -8.28
CA LEU A 248 8.29 18.29 -8.36
C LEU A 248 7.94 18.75 -6.96
N SER A 249 7.98 20.07 -6.70
CA SER A 249 7.64 20.54 -5.38
C SER A 249 7.18 21.99 -5.44
N ASN A 250 6.44 22.40 -4.43
CA ASN A 250 6.23 23.83 -4.22
C ASN A 250 5.94 24.05 -2.75
N ARG A 251 5.86 25.33 -2.38
CA ARG A 251 5.53 25.72 -1.00
C ARG A 251 4.21 26.49 -1.05
N PHE A 252 3.91 27.30 -0.04
CA PHE A 252 2.52 27.73 0.12
C PHE A 252 2.31 29.24 0.16
N THR A 253 3.35 30.05 -0.08
CA THR A 253 3.19 31.50 -0.21
C THR A 253 3.89 31.91 -1.49
N LYS A 254 3.44 33.02 -2.08
CA LYS A 254 3.91 33.38 -3.41
C LYS A 254 5.43 33.58 -3.45
N ASP A 255 5.98 34.23 -2.44
CA ASP A 255 7.41 34.55 -2.39
C ASP A 255 8.22 33.54 -1.57
N ALA A 256 7.67 32.37 -1.26
CA ALA A 256 8.40 31.36 -0.52
C ALA A 256 9.73 31.01 -1.19
N ASN A 257 10.77 30.82 -0.38
CA ASN A 257 12.04 30.36 -0.91
C ASN A 257 12.08 28.84 -0.92
N TYR A 258 12.49 28.28 -2.04
CA TYR A 258 12.67 26.84 -2.08
C TYR A 258 14.02 26.48 -1.45
N ASP A 259 14.17 25.19 -1.15
CA ASP A 259 15.44 24.65 -0.65
C ASP A 259 15.78 23.47 -1.51
N ASN A 260 16.90 23.57 -2.24
CA ASN A 260 17.28 22.52 -3.17
C ASN A 260 17.42 21.18 -2.48
N ALA A 261 17.76 21.19 -1.17
CA ALA A 261 17.94 19.97 -0.41
C ALA A 261 16.67 19.11 -0.35
N LEU A 262 15.49 19.72 -0.51
CA LEU A 262 14.29 18.89 -0.56
C LEU A 262 14.35 17.94 -1.75
N ILE A 263 14.76 18.45 -2.92
CA ILE A 263 14.84 17.61 -4.11
C ILE A 263 15.96 16.57 -3.94
N ALA A 264 17.12 16.98 -3.42
CA ALA A 264 18.20 16.02 -3.23
C ALA A 264 17.81 14.91 -2.27
N GLU A 265 17.17 15.27 -1.15
CA GLU A 265 16.79 14.25 -0.16
C GLU A 265 15.68 13.36 -0.70
N ALA A 266 14.74 13.92 -1.46
CA ALA A 266 13.75 13.08 -2.13
C ALA A 266 14.42 12.10 -3.09
N ALA A 267 15.43 12.57 -3.84
CA ALA A 267 16.12 11.71 -4.79
C ALA A 267 16.86 10.59 -4.08
N LYS A 268 17.43 10.87 -2.90
CA LYS A 268 18.11 9.83 -2.14
C LYS A 268 17.15 8.70 -1.79
N VAL A 269 15.93 9.06 -1.35
CA VAL A 269 14.90 8.05 -1.09
C VAL A 269 14.65 7.22 -2.34
N VAL A 270 14.37 7.89 -3.45
CA VAL A 270 14.08 7.19 -4.70
C VAL A 270 15.20 6.24 -5.08
N LEU A 271 16.45 6.75 -5.10
CA LEU A 271 17.52 5.94 -5.66
C LEU A 271 17.96 4.85 -4.69
N ASN A 272 17.73 5.04 -3.39
N ASN A 272 17.79 5.07 -3.39
CA ASN A 272 17.95 3.96 -2.43
CA ASN A 272 18.13 4.03 -2.43
C ASN A 272 16.91 2.86 -2.61
C ASN A 272 17.08 2.92 -2.42
N ASP A 273 15.62 3.23 -2.65
N ASP A 273 15.82 3.23 -2.74
CA ASP A 273 14.60 2.20 -2.75
CA ASP A 273 14.77 2.23 -2.71
C ASP A 273 14.66 1.45 -4.06
C ASP A 273 14.54 1.54 -4.05
N LEU A 274 15.02 2.12 -5.15
CA LEU A 274 15.16 1.43 -6.44
C LEU A 274 16.52 0.73 -6.57
N LYS A 275 17.35 0.76 -5.55
CA LYS A 275 18.66 0.10 -5.59
C LYS A 275 18.56 -1.38 -5.25
N SER B 7 -9.74 7.84 -4.54
CA SER B 7 -8.33 7.77 -4.90
C SER B 7 -7.66 6.56 -4.25
N ILE B 8 -7.06 5.71 -5.08
CA ILE B 8 -6.42 4.50 -4.55
C ILE B 8 -5.13 4.85 -3.82
N GLU B 9 -4.42 5.88 -4.30
CA GLU B 9 -3.23 6.34 -3.58
C GLU B 9 -3.58 6.83 -2.17
N ASP B 10 -4.79 7.37 -2.00
CA ASP B 10 -5.21 7.89 -0.70
C ASP B 10 -5.69 6.78 0.22
N THR B 11 -6.40 5.78 -0.33
CA THR B 11 -6.81 4.63 0.47
C THR B 11 -5.60 3.77 0.86
N ASN B 12 -4.65 3.60 -0.06
CA ASN B 12 -3.44 2.86 0.27
C ASN B 12 -2.63 3.59 1.32
N MET B 13 -2.55 4.92 1.24
CA MET B 13 -1.83 5.68 2.25
C MET B 13 -2.55 5.67 3.59
N ALA B 14 -3.88 5.59 3.59
CA ALA B 14 -4.63 5.51 4.83
C ALA B 14 -4.48 4.14 5.48
N SER B 15 -4.36 3.09 4.68
CA SER B 15 -4.05 1.77 5.22
C SER B 15 -2.65 1.71 5.84
N CYS B 16 -1.72 2.55 5.38
CA CYS B 16 -0.40 2.61 6.02
C CYS B 16 -0.52 3.09 7.45
N ILE B 17 -1.41 4.05 7.71
CA ILE B 17 -1.56 4.58 9.05
C ILE B 17 -2.20 3.56 9.98
N THR B 18 -3.12 2.74 9.47
CA THR B 18 -3.66 1.65 10.29
C THR B 18 -2.56 0.64 10.63
N ASN B 19 -1.78 0.23 9.65
N ASN B 19 -1.80 0.23 9.62
CA ASN B 19 -0.78 -0.76 9.98
CA ASN B 19 -0.67 -0.68 9.81
C ASN B 19 0.32 -0.19 10.90
C ASN B 19 0.28 -0.18 10.88
N LYS B 20 0.52 1.14 10.90
CA LYS B 20 1.44 1.74 11.86
C LYS B 20 0.98 1.52 13.31
N LYS B 21 -0.34 1.57 13.54
CA LYS B 21 -0.86 1.28 14.88
C LYS B 21 -0.59 -0.16 15.31
N PHE B 22 -0.72 -1.12 14.38
CA PHE B 22 -0.44 -2.51 14.71
C PHE B 22 1.05 -2.75 14.96
N VAL B 23 1.93 -2.06 14.22
CA VAL B 23 3.36 -2.12 14.52
C VAL B 23 3.63 -1.68 15.95
N GLN B 24 2.97 -0.60 16.39
CA GLN B 24 3.24 -0.09 17.73
C GLN B 24 2.67 -1.02 18.82
N LEU B 25 1.54 -1.66 18.54
CA LEU B 25 1.00 -2.66 19.46
C LEU B 25 1.96 -3.84 19.63
N GLU B 26 2.55 -4.30 18.53
CA GLU B 26 3.54 -5.38 18.61
C GLU B 26 4.72 -4.98 19.48
N LYS B 27 5.19 -3.75 19.33
CA LYS B 27 6.26 -3.28 20.18
C LYS B 27 5.80 -3.12 21.64
N LYS B 28 4.63 -2.51 21.85
CA LYS B 28 4.17 -2.26 23.21
C LYS B 28 3.96 -3.55 23.99
N PHE B 29 3.41 -4.58 23.34
CA PHE B 29 3.06 -5.83 24.01
C PHE B 29 4.08 -6.94 23.79
N ASP B 30 5.22 -6.64 23.15
CA ASP B 30 6.23 -7.64 22.81
C ASP B 30 5.57 -8.88 22.23
N ALA B 31 4.89 -8.68 21.10
CA ALA B 31 4.10 -9.74 20.52
C ALA B 31 4.14 -9.63 18.99
N ARG B 32 3.64 -10.68 18.35
CA ARG B 32 3.32 -10.70 16.92
C ARG B 32 1.80 -10.76 16.79
N LEU B 33 1.27 -9.96 15.88
CA LEU B 33 -0.17 -9.75 15.71
C LEU B 33 -0.55 -10.05 14.27
N GLY B 34 -1.67 -10.76 14.09
CA GLY B 34 -2.23 -11.03 12.77
C GLY B 34 -3.68 -10.60 12.76
N VAL B 35 -4.07 -9.79 11.78
CA VAL B 35 -5.38 -9.15 11.78
C VAL B 35 -5.99 -9.30 10.40
N TYR B 36 -7.25 -9.72 10.35
CA TYR B 36 -8.02 -9.60 9.12
C TYR B 36 -9.45 -9.28 9.52
N ALA B 37 -10.01 -8.24 8.91
CA ALA B 37 -11.39 -7.87 9.18
C ALA B 37 -12.06 -7.47 7.88
N ILE B 38 -13.34 -7.81 7.74
CA ILE B 38 -14.07 -7.41 6.55
C ILE B 38 -15.42 -6.84 6.95
N ASP B 39 -15.73 -5.65 6.45
CA ASP B 39 -17.05 -5.05 6.57
C ASP B 39 -17.91 -5.69 5.50
N ILE B 40 -18.88 -6.51 5.91
CA ILE B 40 -19.79 -7.21 5.01
C ILE B 40 -20.61 -6.23 4.16
N GLY B 41 -20.86 -5.02 4.68
CA GLY B 41 -21.70 -4.10 3.93
C GLY B 41 -20.98 -3.36 2.82
N SER B 42 -19.68 -3.10 2.97
CA SER B 42 -18.92 -2.35 1.97
C SER B 42 -17.83 -3.18 1.32
N ASN B 43 -17.51 -4.35 1.85
CA ASN B 43 -16.36 -5.17 1.50
C ASN B 43 -15.01 -4.49 1.81
N LYS B 44 -15.02 -3.36 2.51
CA LYS B 44 -13.76 -2.79 3.01
C LYS B 44 -13.05 -3.79 3.92
N THR B 45 -11.72 -3.90 3.80
CA THR B 45 -10.98 -4.80 4.67
C THR B 45 -9.88 -4.05 5.42
N ILE B 46 -9.46 -4.66 6.52
CA ILE B 46 -8.27 -4.26 7.26
C ILE B 46 -7.46 -5.53 7.45
N ALA B 47 -6.16 -5.46 7.15
CA ALA B 47 -5.33 -6.65 7.15
C ALA B 47 -3.97 -6.28 7.70
N TYR B 48 -3.44 -7.10 8.60
CA TYR B 48 -2.07 -6.93 9.10
C TYR B 48 -1.50 -8.32 9.32
N ARG B 49 -0.36 -8.63 8.64
CA ARG B 49 0.15 -10.00 8.60
C ARG B 49 -0.99 -11.00 8.32
N PRO B 50 -1.87 -10.73 7.34
CA PRO B 50 -3.09 -11.54 7.24
C PRO B 50 -2.86 -12.97 6.79
N ASN B 51 -1.71 -13.28 6.19
CA ASN B 51 -1.44 -14.61 5.69
C ASN B 51 -0.32 -15.30 6.44
N GLU B 52 0.11 -14.77 7.58
CA GLU B 52 1.11 -15.45 8.38
C GLU B 52 0.43 -16.48 9.28
N ARG B 53 1.12 -17.58 9.55
CA ARG B 53 0.53 -18.64 10.35
C ARG B 53 0.60 -18.36 11.84
N PHE B 54 -0.48 -18.68 12.54
CA PHE B 54 -0.58 -18.72 13.99
C PHE B 54 -1.25 -20.03 14.40
N ALA B 55 -0.95 -20.52 15.60
CA ALA B 55 -1.74 -21.62 16.16
C ALA B 55 -3.15 -21.11 16.43
N TYR B 56 -4.18 -21.82 15.95
CA TYR B 56 -5.51 -21.26 16.16
C TYR B 56 -6.04 -21.49 17.57
N ALA B 57 -5.53 -22.48 18.32
CA ALA B 57 -6.02 -22.76 19.66
C ALA B 57 -7.53 -22.92 19.63
N SER B 58 -8.27 -22.50 20.68
CA SER B 58 -9.66 -22.89 20.74
C SER B 58 -10.57 -22.15 19.75
N THR B 59 -10.05 -21.24 18.92
CA THR B 59 -10.94 -20.65 17.93
C THR B 59 -11.48 -21.69 16.96
N TYR B 60 -10.81 -22.83 16.77
CA TYR B 60 -11.36 -23.84 15.87
C TYR B 60 -12.73 -24.34 16.34
N LYS B 61 -13.04 -24.22 17.65
CA LYS B 61 -14.24 -24.89 18.15
C LYS B 61 -15.52 -24.38 17.47
N VAL B 62 -15.57 -23.09 17.14
CA VAL B 62 -16.78 -22.59 16.50
C VAL B 62 -16.87 -23.11 15.08
N LEU B 63 -15.72 -23.28 14.39
CA LEU B 63 -15.75 -23.80 13.03
C LEU B 63 -16.06 -25.30 13.02
N ALA B 64 -15.52 -26.05 13.99
CA ALA B 64 -15.84 -27.47 14.04
C ALA B 64 -17.30 -27.67 14.38
N ALA B 65 -17.84 -26.84 15.27
CA ALA B 65 -19.26 -26.90 15.58
C ALA B 65 -20.08 -26.61 14.34
N ALA B 66 -19.69 -25.59 13.57
CA ALA B 66 -20.42 -25.28 12.35
C ALA B 66 -20.37 -26.43 11.35
N ALA B 67 -19.19 -27.06 11.20
CA ALA B 67 -19.10 -28.17 10.25
C ALA B 67 -19.94 -29.34 10.70
N VAL B 68 -20.05 -29.56 12.01
CA VAL B 68 -20.91 -30.61 12.55
C VAL B 68 -22.39 -30.29 12.29
N LEU B 69 -22.78 -29.02 12.44
CA LEU B 69 -24.17 -28.67 12.09
C LEU B 69 -24.43 -28.93 10.61
N LYS B 70 -23.47 -28.55 9.76
CA LYS B 70 -23.64 -28.70 8.32
C LYS B 70 -23.84 -30.16 7.94
N LYS B 71 -23.11 -31.07 8.58
CA LYS B 71 -23.07 -32.45 8.12
C LYS B 71 -24.17 -33.33 8.73
N ASN B 72 -24.90 -32.85 9.74
CA ASN B 72 -25.77 -33.73 10.51
C ASN B 72 -27.19 -33.21 10.55
N SER B 73 -28.16 -34.14 10.49
CA SER B 73 -29.57 -33.77 10.61
C SER B 73 -29.90 -33.30 12.02
N ILE B 74 -31.02 -32.59 12.13
CA ILE B 74 -31.49 -32.13 13.43
C ILE B 74 -31.67 -33.31 14.38
N GLU B 75 -32.20 -34.43 13.87
CA GLU B 75 -32.38 -35.62 14.70
C GLU B 75 -31.03 -36.18 15.14
N LYS B 76 -30.07 -36.27 14.22
CA LYS B 76 -28.74 -36.75 14.61
C LYS B 76 -28.10 -35.84 15.65
N LEU B 77 -28.24 -34.52 15.48
CA LEU B 77 -27.63 -33.59 16.43
C LEU B 77 -28.22 -33.72 17.83
N ASN B 78 -29.40 -34.31 17.98
CA ASN B 78 -30.02 -34.50 19.29
C ASN B 78 -29.72 -35.86 19.90
N GLU B 79 -29.12 -36.79 19.16
CA GLU B 79 -28.82 -38.11 19.73
C GLU B 79 -27.73 -37.99 20.79
N VAL B 80 -27.88 -38.73 21.89
CA VAL B 80 -26.98 -38.59 23.03
C VAL B 80 -25.69 -39.37 22.80
N ILE B 81 -24.55 -38.75 23.08
CA ILE B 81 -23.24 -39.38 23.03
C ILE B 81 -22.82 -39.75 24.44
N HIS B 82 -22.52 -41.04 24.65
CA HIS B 82 -22.18 -41.54 25.99
C HIS B 82 -20.66 -41.71 26.09
N TYR B 83 -19.98 -40.60 26.37
CA TYR B 83 -18.54 -40.59 26.53
C TYR B 83 -18.17 -41.06 27.94
N SER B 84 -16.92 -41.46 28.12
CA SER B 84 -16.50 -42.02 29.39
C SER B 84 -15.54 -41.08 30.11
N LYS B 85 -15.31 -41.36 31.38
CA LYS B 85 -14.38 -40.56 32.16
C LYS B 85 -13.00 -40.53 31.53
N ASP B 86 -12.61 -41.64 30.88
CA ASP B 86 -11.33 -41.68 30.18
C ASP B 86 -11.26 -40.70 29.03
N ASP B 87 -12.41 -40.28 28.48
CA ASP B 87 -12.41 -39.28 27.42
C ASP B 87 -12.17 -37.86 27.92
N LEU B 88 -12.34 -37.62 29.22
CA LEU B 88 -12.19 -36.25 29.73
C LEU B 88 -10.73 -35.83 29.69
N VAL B 89 -10.45 -34.69 29.06
CA VAL B 89 -9.14 -34.07 29.12
C VAL B 89 -9.23 -32.79 29.96
N THR B 90 -8.06 -32.20 30.21
CA THR B 90 -7.98 -31.00 31.02
C THR B 90 -8.92 -29.93 30.51
N TYR B 91 -9.53 -29.19 31.45
CA TYR B 91 -10.47 -28.09 31.22
C TYR B 91 -11.70 -28.53 30.42
N SER B 92 -12.54 -29.29 31.12
CA SER B 92 -13.80 -29.82 30.57
C SER B 92 -14.94 -29.54 31.55
N PRO B 93 -15.22 -28.25 31.84
CA PRO B 93 -16.17 -27.94 32.94
C PRO B 93 -17.60 -28.38 32.67
N ILE B 94 -18.02 -28.46 31.42
CA ILE B 94 -19.39 -28.88 31.09
C ILE B 94 -19.48 -30.39 30.90
N THR B 95 -18.61 -30.96 30.06
CA THR B 95 -18.66 -32.40 29.80
C THR B 95 -18.43 -33.21 31.05
N GLU B 96 -17.57 -32.74 31.97
CA GLU B 96 -17.36 -33.48 33.21
C GLU B 96 -18.62 -33.50 34.07
N LYS B 97 -19.46 -32.47 33.96
CA LYS B 97 -20.67 -32.41 34.77
C LYS B 97 -21.74 -33.38 34.28
N HIS B 98 -21.74 -33.72 32.99
CA HIS B 98 -22.79 -34.53 32.40
C HIS B 98 -22.32 -35.92 32.03
N LEU B 99 -21.26 -36.40 32.69
CA LEU B 99 -20.73 -37.74 32.40
C LEU B 99 -21.78 -38.82 32.59
N ASP B 100 -22.69 -38.67 33.56
CA ASP B 100 -23.63 -39.74 33.88
C ASP B 100 -24.72 -39.85 32.82
N THR B 101 -25.10 -38.75 32.18
CA THR B 101 -26.17 -38.75 31.18
C THR B 101 -25.65 -38.78 29.74
N GLY B 102 -24.45 -38.28 29.52
CA GLY B 102 -23.99 -38.03 28.16
C GLY B 102 -24.53 -36.71 27.68
N MET B 103 -24.17 -36.37 26.44
CA MET B 103 -24.60 -35.13 25.82
C MET B 103 -24.80 -35.38 24.33
N SER B 104 -25.73 -34.65 23.74
CA SER B 104 -25.88 -34.67 22.29
C SER B 104 -24.81 -33.82 21.64
N LEU B 105 -24.65 -34.03 20.32
CA LEU B 105 -23.75 -33.17 19.57
C LEU B 105 -24.12 -31.70 19.68
N LYS B 106 -25.43 -31.41 19.73
CA LYS B 106 -25.88 -30.02 19.83
C LYS B 106 -25.44 -29.40 21.14
N GLU B 107 -25.61 -30.14 22.25
CA GLU B 107 -25.17 -29.64 23.55
C GLU B 107 -23.64 -29.56 23.61
N ILE B 108 -22.94 -30.53 22.99
CA ILE B 108 -21.48 -30.50 22.96
C ILE B 108 -20.97 -29.30 22.18
N SER B 109 -21.63 -28.98 21.06
CA SER B 109 -21.26 -27.80 20.28
C SER B 109 -21.38 -26.53 21.12
N GLU B 110 -22.50 -26.38 21.83
CA GLU B 110 -22.71 -25.20 22.66
C GLU B 110 -21.66 -25.12 23.76
N ALA B 111 -21.36 -26.26 24.40
CA ALA B 111 -20.36 -26.29 25.46
C ALA B 111 -18.97 -25.88 24.94
N ALA B 112 -18.59 -26.38 23.76
CA ALA B 112 -17.30 -26.02 23.19
C ALA B 112 -17.23 -24.54 22.86
N ILE B 113 -18.32 -23.97 22.32
CA ILE B 113 -18.25 -22.58 21.89
C ILE B 113 -18.35 -21.64 23.08
N ARG B 114 -19.31 -21.92 23.98
CA ARG B 114 -19.60 -20.96 25.03
C ARG B 114 -18.57 -21.02 26.15
N TYR B 115 -18.08 -22.21 26.48
CA TYR B 115 -17.15 -22.39 27.61
C TYR B 115 -15.76 -22.86 27.19
N SER B 116 -15.55 -23.13 25.91
CA SER B 116 -14.27 -23.64 25.41
C SER B 116 -13.93 -25.01 26.03
N ASP B 117 -14.96 -25.81 26.33
CA ASP B 117 -14.78 -27.15 26.89
C ASP B 117 -13.89 -27.98 25.97
N ASN B 118 -12.81 -28.55 26.52
CA ASN B 118 -11.83 -29.23 25.66
C ASN B 118 -12.30 -30.62 25.23
N THR B 119 -12.94 -31.36 26.14
CA THR B 119 -13.48 -32.65 25.74
C THR B 119 -14.56 -32.46 24.67
N ALA B 120 -15.38 -31.42 24.79
CA ALA B 120 -16.35 -31.12 23.74
C ALA B 120 -15.63 -30.85 22.41
N GLY B 121 -14.53 -30.10 22.44
CA GLY B 121 -13.79 -29.88 21.20
C GLY B 121 -13.34 -31.18 20.57
N ASN B 122 -12.83 -32.10 21.39
CA ASN B 122 -12.37 -33.39 20.88
C ASN B 122 -13.51 -34.20 20.29
N ILE B 123 -14.68 -34.17 20.92
CA ILE B 123 -15.79 -34.93 20.38
C ILE B 123 -16.22 -34.35 19.02
N LEU B 124 -16.21 -33.03 18.86
CA LEU B 124 -16.51 -32.43 17.56
C LEU B 124 -15.48 -32.88 16.51
N LEU B 125 -14.20 -32.82 16.84
CA LEU B 125 -13.17 -33.27 15.90
C LEU B 125 -13.36 -34.75 15.54
N GLN B 126 -13.66 -35.59 16.53
CA GLN B 126 -13.90 -37.01 16.27
C GLN B 126 -15.11 -37.21 15.37
N GLN B 127 -16.17 -36.45 15.60
CA GLN B 127 -17.40 -36.56 14.82
C GLN B 127 -17.14 -36.23 13.36
N LEU B 128 -16.16 -35.38 13.08
CA LEU B 128 -15.81 -34.97 11.73
C LEU B 128 -14.78 -35.89 11.09
N GLY B 129 -14.32 -36.91 11.81
CA GLY B 129 -13.31 -37.83 11.31
C GLY B 129 -11.93 -37.54 11.82
N GLY B 130 -11.80 -36.88 12.97
CA GLY B 130 -10.50 -36.50 13.47
C GLY B 130 -10.06 -35.17 12.88
N PRO B 131 -8.90 -34.69 13.32
CA PRO B 131 -8.40 -33.40 12.78
C PRO B 131 -8.30 -33.38 11.27
N LYS B 132 -7.95 -34.51 10.63
CA LYS B 132 -7.89 -34.54 9.18
C LYS B 132 -9.26 -34.42 8.56
N GLY B 133 -10.29 -34.97 9.20
CA GLY B 133 -11.64 -34.80 8.69
C GLY B 133 -12.13 -33.38 8.89
N PHE B 134 -11.76 -32.75 10.01
CA PHE B 134 -12.06 -31.34 10.20
C PHE B 134 -11.43 -30.49 9.10
N GLU B 135 -10.14 -30.72 8.84
CA GLU B 135 -9.49 -30.00 7.76
C GLU B 135 -10.22 -30.20 6.45
N LYS B 136 -10.65 -31.43 6.15
CA LYS B 136 -11.41 -31.68 4.93
C LYS B 136 -12.71 -30.88 4.89
N SER B 137 -13.41 -30.74 6.03
N SER B 137 -13.41 -30.76 6.02
CA SER B 137 -14.64 -29.96 6.04
CA SER B 137 -14.64 -29.96 6.03
C SER B 137 -14.39 -28.48 5.81
C SER B 137 -14.35 -28.50 5.74
N LEU B 138 -13.18 -27.99 6.13
CA LEU B 138 -12.85 -26.61 5.82
C LEU B 138 -12.49 -26.45 4.35
N LYS B 139 -11.82 -27.46 3.76
CA LYS B 139 -11.58 -27.44 2.34
C LYS B 139 -12.88 -27.38 1.56
N GLN B 140 -13.94 -27.99 2.08
CA GLN B 140 -15.22 -27.98 1.40
C GLN B 140 -15.84 -26.60 1.34
N ILE B 141 -15.43 -25.68 2.20
CA ILE B 141 -15.87 -24.29 2.09
C ILE B 141 -14.75 -23.40 1.54
N GLY B 142 -13.72 -24.00 0.93
CA GLY B 142 -12.72 -23.24 0.21
C GLY B 142 -11.47 -22.87 0.97
N ASP B 143 -11.28 -23.41 2.19
CA ASP B 143 -10.11 -23.09 3.03
C ASP B 143 -9.07 -24.17 2.82
N HIS B 144 -8.04 -23.88 2.01
CA HIS B 144 -6.93 -24.79 1.83
C HIS B 144 -5.71 -24.37 2.63
N VAL B 145 -5.90 -23.48 3.59
CA VAL B 145 -4.82 -22.90 4.40
C VAL B 145 -4.72 -23.56 5.75
N THR B 146 -5.86 -23.75 6.42
CA THR B 146 -5.86 -24.30 7.78
C THR B 146 -5.33 -25.72 7.75
N LYS B 147 -4.44 -26.05 8.68
CA LYS B 147 -3.85 -27.38 8.77
C LYS B 147 -4.14 -27.91 10.17
N ALA B 148 -4.92 -28.99 10.24
CA ALA B 148 -5.36 -29.56 11.51
C ALA B 148 -4.75 -30.93 11.70
N LYS B 149 -4.16 -31.16 12.85
CA LYS B 149 -3.43 -32.43 13.04
C LYS B 149 -3.72 -33.12 14.36
N ARG B 150 -3.95 -32.39 15.46
CA ARG B 150 -3.93 -32.98 16.79
C ARG B 150 -5.21 -32.66 17.53
N PHE B 151 -5.44 -33.40 18.62
CA PHE B 151 -6.54 -33.19 19.54
C PHE B 151 -6.13 -32.27 20.71
N GLU B 152 -7.12 -31.88 21.52
CA GLU B 152 -6.84 -31.22 22.80
C GLU B 152 -6.17 -32.21 23.75
N THR B 153 -5.23 -31.72 24.57
CA THR B 153 -4.78 -30.32 24.60
C THR B 153 -3.48 -30.07 23.81
N ASP B 154 -2.92 -31.12 23.19
CA ASP B 154 -1.67 -30.95 22.45
C ASP B 154 -1.76 -29.92 21.32
N LEU B 155 -2.97 -29.66 20.78
CA LEU B 155 -3.05 -28.77 19.62
C LEU B 155 -2.73 -27.32 19.98
N ASN B 156 -2.57 -27.01 21.27
CA ASN B 156 -2.28 -25.67 21.75
C ASN B 156 -0.80 -25.39 21.93
N SER B 157 0.08 -26.30 21.49
CA SER B 157 1.51 -26.16 21.78
C SER B 157 2.11 -24.92 21.11
N ALA B 158 1.60 -24.53 19.94
CA ALA B 158 1.94 -23.26 19.25
C ALA B 158 3.44 -23.04 19.10
N ILE B 159 4.16 -24.09 18.74
CA ILE B 159 5.62 -24.03 18.65
C ILE B 159 6.03 -23.19 17.45
N PRO B 160 7.03 -22.31 17.58
CA PRO B 160 7.50 -21.51 16.43
C PRO B 160 7.81 -22.36 15.21
N GLY B 161 7.26 -21.95 14.06
CA GLY B 161 7.50 -22.62 12.80
C GLY B 161 6.75 -23.92 12.59
N ASP B 162 5.89 -24.32 13.52
CA ASP B 162 5.21 -25.60 13.45
C ASP B 162 3.87 -25.40 12.73
N ILE B 163 3.69 -26.09 11.60
CA ILE B 163 2.47 -25.91 10.83
C ILE B 163 1.27 -26.62 11.45
N ARG B 164 1.49 -27.56 12.37
CA ARG B 164 0.37 -28.33 12.89
C ARG B 164 -0.61 -27.43 13.65
N ASP B 165 -1.89 -27.55 13.32
CA ASP B 165 -2.97 -26.88 14.05
C ASP B 165 -2.82 -25.35 13.94
N THR B 166 -2.56 -24.88 12.72
CA THR B 166 -2.38 -23.46 12.46
C THR B 166 -3.33 -22.98 11.36
N SER B 167 -3.53 -21.67 11.33
CA SER B 167 -4.26 -21.06 10.24
C SER B 167 -3.74 -19.63 10.12
N THR B 168 -4.44 -18.81 9.35
CA THR B 168 -4.08 -17.40 9.25
C THR B 168 -5.29 -16.57 9.63
N ALA B 169 -5.06 -15.30 9.94
CA ALA B 169 -6.19 -14.45 10.29
C ALA B 169 -7.18 -14.36 9.13
N LYS B 170 -6.68 -14.21 7.91
CA LYS B 170 -7.56 -14.15 6.75
C LYS B 170 -8.36 -15.45 6.58
N ALA B 171 -7.71 -16.61 6.77
CA ALA B 171 -8.46 -17.85 6.53
C ALA B 171 -9.51 -18.09 7.61
N LEU B 172 -9.17 -17.82 8.88
CA LEU B 172 -10.16 -18.01 9.95
C LEU B 172 -11.32 -17.04 9.81
N ALA B 173 -11.05 -15.76 9.50
CA ALA B 173 -12.15 -14.81 9.29
C ALA B 173 -13.05 -15.24 8.12
N THR B 174 -12.45 -15.66 7.01
CA THR B 174 -13.22 -16.08 5.86
C THR B 174 -14.08 -17.31 6.17
N ASP B 175 -13.52 -18.27 6.93
CA ASP B 175 -14.29 -19.43 7.40
C ASP B 175 -15.45 -19.03 8.29
N LEU B 176 -15.19 -18.15 9.27
CA LEU B 176 -16.27 -17.72 10.15
C LEU B 176 -17.38 -17.03 9.34
N LYS B 177 -16.98 -16.17 8.41
CA LYS B 177 -17.94 -15.57 7.48
C LYS B 177 -18.70 -16.63 6.68
N ALA B 178 -17.99 -17.65 6.20
CA ALA B 178 -18.65 -18.69 5.41
C ALA B 178 -19.81 -19.33 6.17
N PHE B 179 -19.60 -19.65 7.46
CA PHE B 179 -20.62 -20.38 8.21
C PHE B 179 -21.70 -19.46 8.77
N THR B 180 -21.31 -18.26 9.22
CA THR B 180 -22.26 -17.38 9.92
C THR B 180 -23.01 -16.43 9.01
N LEU B 181 -22.51 -16.15 7.79
CA LEU B 181 -23.11 -15.07 7.02
C LEU B 181 -23.34 -15.47 5.57
N ASP B 182 -22.48 -16.31 5.01
CA ASP B 182 -22.72 -16.76 3.65
C ASP B 182 -23.82 -17.82 3.66
N ASN B 183 -24.17 -18.34 2.49
CA ASN B 183 -25.31 -19.22 2.35
C ASN B 183 -24.91 -20.70 2.51
N THR B 184 -24.21 -21.02 3.60
CA THR B 184 -23.62 -22.35 3.79
C THR B 184 -24.52 -23.25 4.64
N LEU B 185 -25.03 -22.71 5.73
CA LEU B 185 -25.91 -23.41 6.66
C LEU B 185 -27.35 -23.00 6.40
N THR B 186 -28.28 -23.91 6.69
CA THR B 186 -29.67 -23.52 6.73
C THR B 186 -29.87 -22.39 7.74
N THR B 187 -30.96 -21.65 7.58
CA THR B 187 -31.23 -20.48 8.42
C THR B 187 -31.26 -20.86 9.91
N ASP B 188 -31.96 -21.94 10.23
CA ASP B 188 -32.08 -22.35 11.62
C ASP B 188 -30.72 -22.69 12.22
N LYS B 189 -29.87 -23.39 11.46
CA LYS B 189 -28.57 -23.76 12.02
C LYS B 189 -27.66 -22.55 12.11
N ARG B 190 -27.76 -21.64 11.15
CA ARG B 190 -26.97 -20.42 11.20
C ARG B 190 -27.30 -19.59 12.42
N MET B 191 -28.58 -19.47 12.77
CA MET B 191 -28.97 -18.67 13.93
C MET B 191 -28.52 -19.34 15.22
N ILE B 192 -28.69 -20.66 15.31
CA ILE B 192 -28.22 -21.41 16.46
C ILE B 192 -26.73 -21.16 16.69
N LEU B 193 -25.94 -21.26 15.63
CA LEU B 193 -24.49 -21.09 15.74
C LEU B 193 -24.12 -19.69 16.23
N THR B 194 -24.70 -18.66 15.61
CA THR B 194 -24.34 -17.30 16.02
C THR B 194 -24.84 -16.98 17.44
N ASP B 195 -26.00 -17.51 17.82
CA ASP B 195 -26.44 -17.31 19.20
C ASP B 195 -25.47 -17.94 20.20
N TRP B 196 -24.90 -19.10 19.86
CA TRP B 196 -23.91 -19.71 20.76
C TRP B 196 -22.70 -18.80 20.96
N MET B 197 -22.37 -17.99 19.97
CA MET B 197 -21.24 -17.08 20.06
C MET B 197 -21.51 -15.84 20.89
N ARG B 198 -22.75 -15.59 21.28
CA ARG B 198 -23.11 -14.33 21.93
C ARG B 198 -23.11 -14.49 23.45
N GLY B 199 -22.62 -13.45 24.13
CA GLY B 199 -22.85 -13.31 25.56
C GLY B 199 -22.00 -14.18 26.43
N ASN B 200 -20.83 -14.62 25.96
CA ASN B 200 -20.02 -15.56 26.72
C ASN B 200 -18.87 -14.85 27.42
N ALA B 201 -18.66 -15.19 28.70
CA ALA B 201 -17.64 -14.53 29.52
C ALA B 201 -16.23 -14.69 28.95
N THR B 202 -15.94 -15.81 28.26
CA THR B 202 -14.62 -16.01 27.69
C THR B 202 -14.23 -14.89 26.73
N GLY B 203 -15.20 -14.19 26.15
CA GLY B 203 -14.88 -13.12 25.23
C GLY B 203 -14.80 -11.73 25.86
N ASP B 204 -14.99 -11.59 27.18
CA ASP B 204 -15.24 -10.26 27.75
C ASP B 204 -14.05 -9.31 27.59
N GLU B 205 -12.82 -9.81 27.69
CA GLU B 205 -11.65 -8.93 27.71
C GLU B 205 -10.97 -8.83 26.35
N LEU B 206 -11.60 -9.35 25.30
CA LEU B 206 -10.93 -9.44 24.00
C LEU B 206 -11.56 -8.45 23.02
N ILE B 207 -12.06 -8.92 21.87
CA ILE B 207 -12.65 -7.99 20.91
C ILE B 207 -13.79 -7.20 21.55
N ARG B 208 -14.61 -7.85 22.40
CA ARG B 208 -15.69 -7.13 23.07
C ARG B 208 -15.17 -5.92 23.85
N ALA B 209 -14.01 -6.04 24.49
CA ALA B 209 -13.48 -4.94 25.29
C ALA B 209 -13.02 -3.77 24.42
N GLY B 210 -12.74 -4.01 23.14
CA GLY B 210 -12.37 -2.96 22.22
C GLY B 210 -13.49 -2.43 21.35
N ALA B 211 -14.73 -2.89 21.57
CA ALA B 211 -15.80 -2.56 20.63
C ALA B 211 -16.40 -1.19 20.94
N PRO B 212 -16.77 -0.43 19.91
CA PRO B 212 -17.48 0.84 20.14
C PRO B 212 -18.78 0.60 20.89
N ILE B 213 -19.23 1.64 21.60
CA ILE B 213 -20.50 1.56 22.32
C ILE B 213 -21.62 1.17 21.35
N GLY B 214 -22.42 0.18 21.75
CA GLY B 214 -23.52 -0.29 20.93
C GLY B 214 -23.18 -1.39 19.94
N TRP B 215 -21.89 -1.68 19.72
CA TRP B 215 -21.48 -2.71 18.79
C TRP B 215 -21.38 -4.06 19.51
N GLU B 216 -22.36 -4.94 19.28
CA GLU B 216 -22.35 -6.22 19.97
C GLU B 216 -21.34 -7.16 19.32
N VAL B 217 -20.69 -7.99 20.15
CA VAL B 217 -19.68 -8.93 19.67
C VAL B 217 -20.11 -10.36 19.98
N GLY B 218 -20.10 -11.22 18.96
CA GLY B 218 -20.19 -12.66 19.16
C GLY B 218 -18.84 -13.26 18.78
N ASP B 219 -18.24 -14.02 19.69
CA ASP B 219 -16.85 -14.39 19.47
C ASP B 219 -16.55 -15.85 19.81
N LYS B 220 -15.35 -16.29 19.44
CA LYS B 220 -14.73 -17.48 20.02
C LYS B 220 -13.27 -17.15 20.32
N SER B 221 -12.89 -17.26 21.60
CA SER B 221 -11.55 -16.94 22.04
C SER B 221 -10.60 -18.13 21.89
N GLY B 222 -9.31 -17.86 22.00
CA GLY B 222 -8.32 -18.93 22.02
C GLY B 222 -7.11 -18.51 22.84
N ALA B 223 -6.50 -19.48 23.50
CA ALA B 223 -5.27 -19.25 24.26
C ALA B 223 -4.37 -20.48 24.12
N GLY B 224 -3.08 -20.24 23.98
CA GLY B 224 -2.18 -21.38 23.93
C GLY B 224 -0.80 -21.06 24.43
N SER B 225 0.14 -21.97 24.20
CA SER B 225 1.50 -21.77 24.65
C SER B 225 2.18 -20.69 23.78
N TYR B 226 3.44 -20.36 24.11
CA TYR B 226 4.15 -19.23 23.49
C TYR B 226 3.32 -17.95 23.52
N GLY B 227 2.58 -17.74 24.61
CA GLY B 227 1.75 -16.53 24.74
C GLY B 227 0.67 -16.38 23.69
N THR B 228 0.19 -17.49 23.11
CA THR B 228 -0.81 -17.39 22.04
C THR B 228 -2.16 -16.92 22.58
N ARG B 229 -2.73 -15.91 21.93
CA ARG B 229 -3.99 -15.35 22.43
C ARG B 229 -4.75 -14.83 21.23
N ASN B 230 -5.94 -15.38 21.00
CA ASN B 230 -6.67 -15.17 19.75
C ASN B 230 -8.13 -14.84 20.04
N ASP B 231 -8.77 -14.11 19.13
CA ASP B 231 -10.23 -13.93 19.19
C ASP B 231 -10.72 -13.76 17.77
N ILE B 232 -11.75 -14.51 17.38
CA ILE B 232 -12.41 -14.30 16.10
C ILE B 232 -13.87 -13.99 16.37
N ALA B 233 -14.45 -13.10 15.56
CA ALA B 233 -15.76 -12.60 15.97
C ALA B 233 -16.56 -12.07 14.79
N ILE B 234 -17.88 -12.06 14.98
CA ILE B 234 -18.80 -11.26 14.19
C ILE B 234 -19.19 -10.08 15.07
N VAL B 235 -19.17 -8.88 14.50
CA VAL B 235 -19.48 -7.65 15.24
C VAL B 235 -20.69 -7.04 14.57
N TRP B 236 -21.69 -6.66 15.36
CA TRP B 236 -22.93 -6.08 14.83
C TRP B 236 -23.06 -4.64 15.31
N PRO B 237 -22.69 -3.65 14.51
CA PRO B 237 -22.93 -2.26 14.90
C PRO B 237 -24.38 -1.91 14.69
N PRO B 238 -24.90 -0.91 15.41
CA PRO B 238 -26.27 -0.45 15.14
C PRO B 238 -26.36 0.11 13.73
N ASN B 239 -27.45 -0.26 13.05
CA ASN B 239 -27.79 0.29 11.72
C ASN B 239 -26.67 0.07 10.72
N ARG B 240 -25.94 -1.02 10.88
CA ARG B 240 -24.83 -1.38 10.00
C ARG B 240 -24.85 -2.87 9.70
N ALA B 241 -24.27 -3.23 8.54
CA ALA B 241 -23.99 -4.62 8.25
C ALA B 241 -22.92 -5.19 9.19
N PRO B 242 -22.87 -6.52 9.34
CA PRO B 242 -21.89 -7.11 10.26
C PRO B 242 -20.46 -6.93 9.78
N ILE B 243 -19.52 -7.04 10.71
CA ILE B 243 -18.09 -7.03 10.45
C ILE B 243 -17.53 -8.34 10.96
N VAL B 244 -16.74 -9.03 10.15
CA VAL B 244 -16.07 -10.25 10.60
C VAL B 244 -14.62 -9.92 10.90
N VAL B 245 -14.13 -10.35 12.06
CA VAL B 245 -12.80 -9.97 12.55
C VAL B 245 -12.09 -11.20 13.09
N ALA B 246 -10.84 -11.39 12.68
CA ALA B 246 -9.94 -12.34 13.30
C ALA B 246 -8.72 -11.59 13.79
N ILE B 247 -8.38 -11.75 15.07
CA ILE B 247 -7.18 -11.16 15.63
C ILE B 247 -6.43 -12.26 16.36
N LEU B 248 -5.23 -12.56 15.88
CA LEU B 248 -4.38 -13.62 16.41
C LEU B 248 -3.09 -13.02 16.95
N SER B 249 -2.49 -13.67 17.95
CA SER B 249 -1.28 -13.09 18.53
C SER B 249 -0.48 -14.18 19.23
N ASN B 250 0.83 -13.94 19.32
CA ASN B 250 1.67 -14.78 20.16
C ASN B 250 2.84 -13.94 20.65
N ARG B 251 3.56 -14.48 21.62
CA ARG B 251 4.82 -13.91 22.05
C ARG B 251 5.94 -14.89 21.70
N PHE B 252 7.08 -14.76 22.37
CA PHE B 252 8.32 -15.28 21.81
C PHE B 252 9.08 -16.24 22.71
N THR B 253 8.55 -16.59 23.88
CA THR B 253 9.09 -17.68 24.69
C THR B 253 7.93 -18.59 25.09
N LYS B 254 8.27 -19.85 25.37
CA LYS B 254 7.21 -20.86 25.55
C LYS B 254 6.29 -20.49 26.72
N ASP B 255 6.85 -19.96 27.81
CA ASP B 255 6.06 -19.70 29.00
C ASP B 255 5.60 -18.24 29.12
N ALA B 256 5.71 -17.45 28.05
CA ALA B 256 5.30 -16.05 28.08
C ALA B 256 3.83 -15.91 28.46
N ASN B 257 3.51 -14.89 29.23
CA ASN B 257 2.13 -14.57 29.58
C ASN B 257 1.53 -13.66 28.53
N TYR B 258 0.36 -14.02 28.01
CA TYR B 258 -0.30 -13.08 27.11
C TYR B 258 -0.98 -11.98 27.93
N ASP B 259 -1.36 -10.89 27.26
CA ASP B 259 -2.11 -9.80 27.86
C ASP B 259 -3.37 -9.60 27.01
N ASN B 260 -4.55 -9.78 27.62
CA ASN B 260 -5.79 -9.61 26.85
C ASN B 260 -5.90 -8.23 26.21
N ALA B 261 -5.29 -7.22 26.84
CA ALA B 261 -5.41 -5.85 26.33
C ALA B 261 -4.82 -5.70 24.93
N LEU B 262 -3.88 -6.58 24.54
CA LEU B 262 -3.38 -6.55 23.16
C LEU B 262 -4.51 -6.78 22.16
N ILE B 263 -5.37 -7.77 22.43
CA ILE B 263 -6.47 -8.06 21.54
C ILE B 263 -7.51 -6.94 21.56
N ALA B 264 -7.89 -6.48 22.76
CA ALA B 264 -8.84 -5.37 22.85
C ALA B 264 -8.32 -4.13 22.14
N GLU B 265 -7.02 -3.82 22.29
N GLU B 265 -7.02 -3.83 22.27
CA GLU B 265 -6.48 -2.61 21.68
CA GLU B 265 -6.51 -2.60 21.66
C GLU B 265 -6.42 -2.77 20.17
C GLU B 265 -6.39 -2.75 20.16
N ALA B 266 -6.04 -3.94 19.68
CA ALA B 266 -6.08 -4.18 18.23
C ALA B 266 -7.50 -4.11 17.70
N ALA B 267 -8.47 -4.63 18.45
CA ALA B 267 -9.87 -4.51 18.03
C ALA B 267 -10.31 -3.05 17.94
N LYS B 268 -9.86 -2.20 18.87
CA LYS B 268 -10.19 -0.78 18.79
C LYS B 268 -9.72 -0.18 17.47
N VAL B 269 -8.49 -0.54 17.06
CA VAL B 269 -7.94 -0.03 15.80
C VAL B 269 -8.81 -0.45 14.63
N VAL B 270 -9.13 -1.76 14.55
CA VAL B 270 -9.96 -2.30 13.47
C VAL B 270 -11.32 -1.59 13.44
N LEU B 271 -12.02 -1.60 14.58
CA LEU B 271 -13.41 -1.18 14.56
C LEU B 271 -13.53 0.32 14.39
N ASN B 272 -12.58 1.10 14.93
CA ASN B 272 -12.62 2.54 14.72
C ASN B 272 -12.30 2.91 13.28
N ASP B 273 -11.47 2.11 12.60
CA ASP B 273 -11.20 2.40 11.21
C ASP B 273 -12.36 1.98 10.30
N LEU B 274 -13.25 1.10 10.76
CA LEU B 274 -14.41 0.71 9.95
C LEU B 274 -15.67 1.52 10.30
N LYS B 275 -15.62 2.37 11.32
CA LYS B 275 -16.75 3.24 11.69
C LYS B 275 -17.36 3.99 10.49
C1 EDO C . -0.11 23.83 -9.68
O1 EDO C . -1.47 23.97 -10.10
C2 EDO C . 0.49 25.24 -9.61
O2 EDO C . -0.24 26.10 -10.51
C FMT D . 1.70 25.86 -6.36
O1 FMT D . 1.04 26.80 -5.91
O2 FMT D . 1.24 24.73 -6.56
C FMT E . 5.61 6.54 -1.78
O1 FMT E . 6.28 5.54 -1.55
O2 FMT E . 4.40 6.62 -1.62
C FMT F . 5.88 -7.37 28.14
O1 FMT F . 6.30 -6.55 27.32
O2 FMT F . 4.73 -7.40 28.58
C FMT G . -32.56 -23.75 19.94
O1 FMT G . -31.70 -24.19 20.69
O2 FMT G . -32.89 -24.27 18.88
C FMT H . -27.99 -9.24 15.51
O1 FMT H . -27.80 -10.43 15.27
O2 FMT H . -27.83 -8.73 16.63
C FMT I . 1.20 -36.79 23.89
O1 FMT I . 1.71 -36.65 22.78
O2 FMT I . 1.37 -35.99 24.82
C FMT J . 2.76 -21.88 15.64
O1 FMT J . 2.78 -23.11 15.70
O2 FMT J . 2.64 -21.21 14.58
C FMT K . 7.06 -9.39 15.36
O1 FMT K . 7.85 -8.51 15.67
O2 FMT K . 7.33 -10.36 14.64
C FMT L . -0.30 -13.36 34.97
O1 FMT L . -0.19 -13.16 33.76
O2 FMT L . -1.34 -13.73 35.52
#